data_8QJO
#
_entry.id   8QJO
#
_cell.length_a   43.178
_cell.length_b   73.068
_cell.length_c   81.607
_cell.angle_alpha   90.000
_cell.angle_beta   105.324
_cell.angle_gamma   90.000
#
_symmetry.space_group_name_H-M   'P 1 21 1'
#
loop_
_entity.id
_entity.type
_entity.pdbx_description
1 polymer 'S1/P1 Nuclease'
2 non-polymer 'ZINC ION'
3 non-polymer 'PHOSPHATE ION'
4 non-polymer "GUANOSINE-5'-MONOPHOSPHATE"
5 non-polymer GLYCEROL
6 non-polymer DI(HYDROXYETHYL)ETHER
7 non-polymer 'SULFATE ION'
8 non-polymer 'TRIETHYLENE GLYCOL'
9 non-polymer 'SODIUM ION'
10 non-polymer 'CHLORIDE ION'
11 water water
#
_entity_poly.entity_id   1
_entity_poly.type   'polypeptide(L)'
_entity_poly.pdbx_seq_one_letter_code
;WGAQGHRLVAEVADARLNPTARAEVDRLLATEPDATLASIAPWADQLRAKDPGLGRRSAGWHYVNIAEDNCHYEAPKHCR
NGNCIVEALKAQSTILGDRSLTDGERLQALKFVVHLVGDIHQPMHAGYAHDKGGNDFQLQFGNRGTNLHSLWDSGMLNTR
KLDDAGYLPLLQSQRAPKLARQSNPQRDPQTWAEASCRISMQAGVYPATRKIGDEYTERYRPLAEAQLRLAGENLAQLLN
RVLGARLEHHHHHH
;
_entity_poly.pdbx_strand_id   A,B
#
loop_
_chem_comp.id
_chem_comp.type
_chem_comp.name
_chem_comp.formula
5GP non-polymer GUANOSINE-5'-MONOPHOSPHATE 'C10 H14 N5 O8 P'
CL non-polymer 'CHLORIDE ION' 'Cl -1'
GOL non-polymer GLYCEROL 'C3 H8 O3'
NA non-polymer 'SODIUM ION' 'Na 1'
PEG non-polymer DI(HYDROXYETHYL)ETHER 'C4 H10 O3'
PGE non-polymer 'TRIETHYLENE GLYCOL' 'C6 H14 O4'
PO4 non-polymer 'PHOSPHATE ION' 'O4 P -3'
SO4 non-polymer 'SULFATE ION' 'O4 S -2'
ZN non-polymer 'ZINC ION' 'Zn 2'
#
# COMPACT_ATOMS: atom_id res chain seq x y z
N TRP A 1 -14.64 18.92 5.62
CA TRP A 1 -15.06 19.29 6.96
C TRP A 1 -15.63 20.72 6.96
N GLY A 2 -16.42 21.02 7.96
CA GLY A 2 -16.79 22.39 8.37
C GLY A 2 -15.58 23.09 8.94
N ALA A 3 -15.73 24.37 9.31
CA ALA A 3 -14.61 25.25 9.69
C ALA A 3 -13.86 24.63 10.90
N GLN A 4 -14.58 24.08 11.88
CA GLN A 4 -13.95 23.54 13.12
C GLN A 4 -13.05 22.35 12.74
N GLY A 5 -13.54 21.42 11.93
CA GLY A 5 -12.76 20.24 11.51
C GLY A 5 -11.45 20.67 10.86
N HIS A 6 -11.49 21.67 9.98
CA HIS A 6 -10.29 22.26 9.33
C HIS A 6 -9.31 22.79 10.37
N ARG A 7 -9.81 23.57 11.33
CA ARG A 7 -8.93 24.24 12.34
C ARG A 7 -8.28 23.13 13.19
N LEU A 8 -9.02 22.07 13.55
CA LEU A 8 -8.54 20.97 14.42
C LEU A 8 -7.43 20.20 13.70
N VAL A 9 -7.60 19.95 12.41
CA VAL A 9 -6.53 19.35 11.56
C VAL A 9 -5.26 20.22 11.67
N ALA A 10 -5.36 21.53 11.49
CA ALA A 10 -4.19 22.44 11.50
C ALA A 10 -3.56 22.49 12.89
N GLU A 11 -4.39 22.46 13.95
CA GLU A 11 -3.92 22.56 15.36
C GLU A 11 -3.15 21.29 15.72
N VAL A 12 -3.67 20.10 15.34
CA VAL A 12 -2.98 18.81 15.52
C VAL A 12 -1.63 18.90 14.79
N ALA A 13 -1.61 19.38 13.56
CA ALA A 13 -0.39 19.43 12.72
C ALA A 13 0.62 20.42 13.30
N ASP A 14 0.15 21.58 13.74
CA ASP A 14 1.05 22.68 14.18
C ASP A 14 1.94 22.16 15.32
N ALA A 15 1.38 21.39 16.24
CA ALA A 15 2.12 20.84 17.39
C ALA A 15 3.22 19.86 16.92
N ARG A 16 3.12 19.27 15.73
CA ARG A 16 4.03 18.19 15.26
C ARG A 16 5.10 18.72 14.29
N LEU A 17 5.10 20.02 13.99
CA LEU A 17 6.07 20.59 13.02
C LEU A 17 7.48 20.51 13.62
N ASN A 18 8.48 20.13 12.82
CA ASN A 18 9.90 20.18 13.26
C ASN A 18 10.33 21.65 13.24
N PRO A 19 11.40 22.02 13.98
CA PRO A 19 11.82 23.42 14.08
C PRO A 19 11.96 24.11 12.72
N THR A 20 12.50 23.43 11.71
CA THR A 20 12.78 23.99 10.37
C THR A 20 11.46 24.31 9.68
N ALA A 21 10.49 23.38 9.69
CA ALA A 21 9.15 23.59 9.08
C ALA A 21 8.39 24.66 9.85
N ARG A 22 8.53 24.70 11.17
CA ARG A 22 7.81 25.66 12.05
C ARG A 22 8.29 27.06 11.66
N ALA A 23 9.60 27.25 11.54
CA ALA A 23 10.21 28.56 11.19
C ALA A 23 9.66 29.03 9.83
N GLU A 24 9.69 28.15 8.83
CA GLU A 24 9.22 28.52 7.46
C GLU A 24 7.71 28.80 7.49
N VAL A 25 6.90 27.93 8.08
CA VAL A 25 5.44 28.19 8.20
C VAL A 25 5.22 29.57 8.81
N ASP A 26 5.89 29.89 9.93
CA ASP A 26 5.66 31.16 10.65
C ASP A 26 6.10 32.34 9.77
N ARG A 27 7.18 32.19 8.98
CA ARG A 27 7.58 33.21 7.95
C ARG A 27 6.43 33.45 6.97
N LEU A 28 5.86 32.40 6.40
CA LEU A 28 4.79 32.58 5.39
C LEU A 28 3.58 33.23 6.06
N LEU A 29 3.22 32.79 7.27
CA LEU A 29 2.02 33.30 8.00
C LEU A 29 2.24 34.77 8.34
N ALA A 30 3.48 35.18 8.60
CA ALA A 30 3.84 36.56 8.98
C ALA A 30 3.52 37.57 7.86
N THR A 31 3.44 37.14 6.60
CA THR A 31 3.14 38.03 5.43
C THR A 31 1.70 38.51 5.55
N GLU A 32 0.90 37.80 6.34
CA GLU A 32 -0.53 38.13 6.53
C GLU A 32 -0.77 38.29 8.03
N PRO A 33 -0.91 39.55 8.51
CA PRO A 33 -0.88 39.83 9.95
C PRO A 33 -1.98 39.05 10.67
N ASP A 34 -1.63 38.37 11.77
CA ASP A 34 -2.56 37.64 12.68
C ASP A 34 -3.04 36.30 12.09
N ALA A 35 -2.50 35.87 10.95
CA ALA A 35 -2.80 34.54 10.37
C ALA A 35 -2.12 33.48 11.25
N THR A 36 -2.82 32.37 11.52
CA THR A 36 -2.28 31.15 12.15
C THR A 36 -2.57 29.97 11.24
N LEU A 37 -1.96 28.81 11.49
CA LEU A 37 -2.26 27.62 10.68
C LEU A 37 -3.74 27.29 10.85
N ALA A 38 -4.31 27.50 12.03
CA ALA A 38 -5.75 27.24 12.27
C ALA A 38 -6.62 28.23 11.49
N SER A 39 -6.30 29.53 11.53
CA SER A 39 -7.17 30.61 10.98
C SER A 39 -7.22 30.51 9.45
N ILE A 40 -6.14 30.06 8.79
CA ILE A 40 -6.12 29.87 7.32
C ILE A 40 -6.79 28.55 6.92
N ALA A 41 -7.02 27.61 7.84
CA ALA A 41 -7.47 26.23 7.51
C ALA A 41 -8.81 26.22 6.77
N PRO A 42 -9.81 27.03 7.14
CA PRO A 42 -11.07 27.13 6.39
C PRO A 42 -11.07 28.02 5.14
N TRP A 43 -9.99 28.74 4.89
CA TRP A 43 -9.94 29.85 3.88
C TRP A 43 -10.45 29.41 2.50
N ALA A 44 -10.03 28.26 2.00
CA ALA A 44 -10.40 27.76 0.65
C ALA A 44 -11.91 27.65 0.49
N ASP A 45 -12.66 27.36 1.56
CA ASP A 45 -14.16 27.26 1.53
C ASP A 45 -14.76 28.67 1.43
N GLN A 46 -14.18 29.67 2.09
CA GLN A 46 -14.62 31.10 1.97
C GLN A 46 -14.28 31.60 0.56
N LEU A 47 -13.09 31.26 0.05
CA LEU A 47 -12.69 31.55 -1.35
C LEU A 47 -13.74 31.00 -2.31
N ARG A 48 -14.09 29.72 -2.16
CA ARG A 48 -15.12 29.04 -2.99
C ARG A 48 -16.45 29.82 -2.94
N ALA A 49 -16.85 30.29 -1.77
CA ALA A 49 -18.18 30.93 -1.55
C ALA A 49 -18.20 32.35 -2.13
N LYS A 50 -17.07 33.09 -2.07
CA LYS A 50 -17.03 34.57 -2.26
C LYS A 50 -16.33 35.02 -3.55
N ASP A 51 -15.47 34.22 -4.18
CA ASP A 51 -14.62 34.66 -5.34
C ASP A 51 -15.17 34.00 -6.60
N PRO A 52 -15.90 34.73 -7.47
CA PRO A 52 -16.50 34.12 -8.68
C PRO A 52 -15.47 33.70 -9.74
N GLY A 53 -14.21 34.09 -9.59
CA GLY A 53 -13.07 33.62 -10.41
C GLY A 53 -12.44 32.36 -9.84
N LEU A 54 -11.33 32.47 -9.10
CA LEU A 54 -10.53 31.34 -8.56
C LEU A 54 -11.39 30.48 -7.62
N GLY A 55 -12.33 31.07 -6.87
CA GLY A 55 -13.25 30.33 -6.00
C GLY A 55 -14.06 29.32 -6.79
N ARG A 56 -14.62 29.75 -7.92
CA ARG A 56 -15.42 28.88 -8.83
C ARG A 56 -14.49 27.84 -9.48
N ARG A 57 -13.30 28.25 -9.92
CA ARG A 57 -12.34 27.37 -10.64
C ARG A 57 -11.88 26.26 -9.68
N SER A 58 -11.74 26.59 -8.39
CA SER A 58 -11.10 25.73 -7.35
C SER A 58 -12.14 24.86 -6.65
N ALA A 59 -13.45 24.95 -6.97
CA ALA A 59 -14.52 24.23 -6.25
C ALA A 59 -14.27 22.73 -6.33
N GLY A 60 -13.90 22.25 -7.53
CA GLY A 60 -13.64 20.82 -7.80
C GLY A 60 -12.44 20.31 -7.02
N TRP A 61 -11.56 21.21 -6.56
CA TRP A 61 -10.29 20.82 -5.85
C TRP A 61 -10.60 20.22 -4.47
N HIS A 62 -11.83 20.34 -3.95
CA HIS A 62 -12.16 19.90 -2.55
C HIS A 62 -12.46 18.42 -2.48
N TYR A 63 -12.68 17.76 -3.62
CA TYR A 63 -13.19 16.37 -3.62
C TYR A 63 -12.72 15.61 -4.85
N VAL A 64 -13.00 14.31 -4.85
CA VAL A 64 -12.83 13.44 -6.02
C VAL A 64 -13.84 12.28 -5.92
N ASN A 65 -14.54 11.98 -7.01
CA ASN A 65 -15.62 10.97 -7.02
C ASN A 65 -15.03 9.67 -7.57
N ILE A 66 -14.75 8.70 -6.71
CA ILE A 66 -14.08 7.45 -7.11
C ILE A 66 -14.84 6.23 -6.59
N ALA A 67 -15.95 6.39 -5.85
CA ALA A 67 -16.66 5.21 -5.25
C ALA A 67 -17.30 4.34 -6.33
N GLU A 68 -17.77 4.91 -7.44
CA GLU A 68 -18.35 4.11 -8.56
C GLU A 68 -17.24 3.25 -9.21
N ASP A 69 -15.97 3.60 -9.08
CA ASP A 69 -14.82 2.79 -9.60
C ASP A 69 -14.17 2.01 -8.44
N ASN A 70 -14.92 1.68 -7.41
CA ASN A 70 -14.45 0.90 -6.25
C ASN A 70 -13.16 1.50 -5.67
N CYS A 71 -13.08 2.82 -5.58
CA CYS A 71 -12.02 3.59 -4.88
C CYS A 71 -10.67 3.45 -5.55
N HIS A 72 -10.66 3.19 -6.86
CA HIS A 72 -9.45 3.08 -7.72
C HIS A 72 -9.38 4.38 -8.52
N TYR A 73 -8.48 5.27 -8.14
CA TYR A 73 -8.31 6.58 -8.81
C TYR A 73 -7.52 6.39 -10.11
N GLU A 74 -7.97 7.00 -11.19
CA GLU A 74 -7.24 7.13 -12.48
C GLU A 74 -7.44 8.57 -12.99
N ALA A 75 -6.37 9.38 -13.07
CA ALA A 75 -6.42 10.85 -13.25
C ALA A 75 -7.24 11.25 -14.49
N PRO A 76 -6.98 10.64 -15.66
CA PRO A 76 -7.78 10.96 -16.85
C PRO A 76 -9.31 10.77 -16.66
N LYS A 77 -9.75 9.92 -15.72
CA LYS A 77 -11.20 9.58 -15.56
C LYS A 77 -11.85 10.54 -14.56
N HIS A 78 -11.22 10.85 -13.45
CA HIS A 78 -11.93 11.52 -12.34
C HIS A 78 -11.57 13.02 -12.28
N CYS A 79 -10.68 13.49 -13.17
CA CYS A 79 -9.80 14.67 -12.92
C CYS A 79 -9.13 15.20 -14.19
N ARG A 80 -9.83 15.35 -15.31
CA ARG A 80 -9.19 15.45 -16.66
C ARG A 80 -8.17 16.61 -16.69
N ASN A 81 -8.64 17.79 -16.32
CA ASN A 81 -7.83 19.03 -16.37
C ASN A 81 -7.19 19.30 -15.00
N GLY A 82 -7.12 18.31 -14.13
CA GLY A 82 -6.48 18.45 -12.80
C GLY A 82 -7.40 19.05 -11.75
N ASN A 83 -8.69 19.24 -12.04
CA ASN A 83 -9.62 19.92 -11.10
C ASN A 83 -10.22 18.88 -10.14
N CYS A 84 -9.38 18.29 -9.30
CA CYS A 84 -9.83 17.40 -8.21
C CYS A 84 -8.81 17.46 -7.08
N ILE A 85 -9.17 16.92 -5.93
CA ILE A 85 -8.36 17.11 -4.70
C ILE A 85 -7.01 16.37 -4.85
N VAL A 86 -6.94 15.23 -5.52
CA VAL A 86 -5.65 14.49 -5.68
C VAL A 86 -4.64 15.36 -6.44
N GLU A 87 -5.03 15.86 -7.62
CA GLU A 87 -4.10 16.63 -8.49
C GLU A 87 -3.85 17.98 -7.86
N ALA A 88 -4.87 18.61 -7.27
CA ALA A 88 -4.69 19.96 -6.70
C ALA A 88 -3.76 19.90 -5.48
N LEU A 89 -3.84 18.88 -4.64
CA LEU A 89 -2.98 18.77 -3.43
C LEU A 89 -1.53 18.54 -3.86
N LYS A 90 -1.32 17.68 -4.84
CA LYS A 90 0.00 17.44 -5.47
C LYS A 90 0.59 18.78 -5.94
N ALA A 91 -0.15 19.52 -6.75
CA ALA A 91 0.35 20.77 -7.39
C ALA A 91 0.69 21.77 -6.29
N GLN A 92 -0.23 21.97 -5.34
CA GLN A 92 -0.08 22.99 -4.28
C GLN A 92 1.09 22.62 -3.36
N SER A 93 1.34 21.33 -3.14
CA SER A 93 2.50 20.86 -2.34
C SER A 93 3.80 21.18 -3.09
N THR A 94 3.83 20.99 -4.41
CA THR A 94 5.01 21.37 -5.23
C THR A 94 5.24 22.88 -5.13
N ILE A 95 4.19 23.67 -5.35
CA ILE A 95 4.25 25.16 -5.27
C ILE A 95 4.76 25.57 -3.88
N LEU A 96 4.23 24.97 -2.80
CA LEU A 96 4.64 25.33 -1.42
C LEU A 96 6.14 25.12 -1.24
N GLY A 97 6.70 24.06 -1.83
CA GLY A 97 8.10 23.70 -1.63
C GLY A 97 9.06 24.46 -2.52
N ASP A 98 8.54 25.29 -3.43
CA ASP A 98 9.31 26.03 -4.47
C ASP A 98 9.92 27.29 -3.82
N ARG A 99 11.16 27.21 -3.35
CA ARG A 99 11.87 28.33 -2.66
C ARG A 99 12.11 29.53 -3.59
N SER A 100 12.04 29.36 -4.91
CA SER A 100 12.15 30.48 -5.89
C SER A 100 10.92 31.40 -5.84
N LEU A 101 9.80 31.01 -5.23
CA LEU A 101 8.55 31.81 -5.26
C LEU A 101 8.55 32.80 -4.09
N THR A 102 7.69 33.80 -4.13
CA THR A 102 7.54 34.80 -3.05
C THR A 102 6.86 34.14 -1.85
N ASP A 103 7.02 34.76 -0.67
CA ASP A 103 6.34 34.31 0.56
C ASP A 103 4.81 34.36 0.33
N GLY A 104 4.29 35.36 -0.39
CA GLY A 104 2.85 35.53 -0.63
C GLY A 104 2.29 34.39 -1.48
N GLU A 105 3.00 34.03 -2.55
CA GLU A 105 2.66 32.86 -3.41
C GLU A 105 2.71 31.58 -2.59
N ARG A 106 3.73 31.41 -1.73
CA ARG A 106 3.91 30.15 -0.97
C ARG A 106 2.85 30.07 0.16
N LEU A 107 2.47 31.21 0.75
CA LEU A 107 1.38 31.26 1.75
C LEU A 107 0.12 30.75 1.07
N GLN A 108 -0.18 31.21 -0.14
CA GLN A 108 -1.44 30.81 -0.81
C GLN A 108 -1.44 29.29 -0.97
N ALA A 109 -0.31 28.72 -1.36
CA ALA A 109 -0.21 27.26 -1.52
C ALA A 109 -0.39 26.60 -0.13
N LEU A 110 0.15 27.21 0.95
CA LEU A 110 0.00 26.65 2.32
C LEU A 110 -1.48 26.61 2.70
N LYS A 111 -2.23 27.65 2.38
CA LYS A 111 -3.67 27.72 2.68
C LYS A 111 -4.39 26.56 1.98
N PHE A 112 -4.10 26.31 0.70
CA PHE A 112 -4.69 25.17 -0.05
C PHE A 112 -4.22 23.85 0.57
N VAL A 113 -2.94 23.68 0.83
CA VAL A 113 -2.41 22.39 1.38
C VAL A 113 -3.08 22.10 2.72
N VAL A 114 -3.16 23.08 3.62
CA VAL A 114 -3.76 22.85 4.97
C VAL A 114 -5.21 22.40 4.81
N HIS A 115 -5.98 23.06 3.94
CA HIS A 115 -7.41 22.75 3.72
C HIS A 115 -7.57 21.35 3.12
N LEU A 116 -6.82 21.07 2.05
CA LEU A 116 -7.02 19.88 1.19
C LEU A 116 -6.50 18.63 1.90
N VAL A 117 -5.47 18.68 2.73
CA VAL A 117 -5.13 17.49 3.55
C VAL A 117 -6.33 17.19 4.47
N GLY A 118 -6.95 18.23 5.06
CA GLY A 118 -8.20 18.07 5.82
C GLY A 118 -9.27 17.37 5.01
N ASP A 119 -9.70 17.98 3.92
CA ASP A 119 -10.79 17.48 3.06
C ASP A 119 -10.48 16.08 2.53
N ILE A 120 -9.24 15.78 2.11
CA ILE A 120 -8.94 14.45 1.48
C ILE A 120 -9.12 13.32 2.51
N HIS A 121 -9.18 13.65 3.82
CA HIS A 121 -9.41 12.68 4.91
C HIS A 121 -10.89 12.62 5.31
N GLN A 122 -11.78 13.43 4.72
CA GLN A 122 -13.24 13.35 4.98
C GLN A 122 -13.77 12.29 4.02
N PRO A 123 -14.25 11.12 4.50
CA PRO A 123 -14.67 10.05 3.61
C PRO A 123 -15.59 10.49 2.46
N MET A 124 -16.57 11.38 2.72
CA MET A 124 -17.57 11.77 1.72
C MET A 124 -16.94 12.65 0.64
N HIS A 125 -15.75 13.20 0.88
CA HIS A 125 -14.96 13.97 -0.13
C HIS A 125 -14.32 13.03 -1.17
N ALA A 126 -14.44 11.71 -1.04
CA ALA A 126 -13.86 10.73 -2.00
C ALA A 126 -14.92 9.70 -2.39
N GLY A 127 -16.20 10.04 -2.24
CA GLY A 127 -17.35 9.12 -2.40
C GLY A 127 -17.93 9.09 -3.81
N TYR A 128 -19.25 9.07 -3.92
CA TYR A 128 -19.99 8.85 -5.19
C TYR A 128 -20.24 10.17 -5.92
N ALA A 129 -19.96 10.18 -7.21
CA ALA A 129 -20.48 11.18 -8.16
C ALA A 129 -22.01 11.19 -8.13
N HIS A 130 -22.65 10.03 -7.97
CA HIS A 130 -24.11 9.86 -8.16
C HIS A 130 -24.92 10.79 -7.26
N ASP A 131 -24.53 10.88 -5.98
CA ASP A 131 -25.26 11.73 -4.99
C ASP A 131 -24.34 12.89 -4.54
N LYS A 132 -23.31 13.19 -5.34
CA LYS A 132 -22.35 14.32 -5.12
C LYS A 132 -21.75 14.25 -3.71
N GLY A 133 -21.05 13.17 -3.39
CA GLY A 133 -20.37 13.03 -2.10
C GLY A 133 -21.34 13.04 -0.93
N GLY A 134 -22.59 12.61 -1.13
CA GLY A 134 -23.60 12.46 -0.07
C GLY A 134 -24.47 13.69 0.09
N ASN A 135 -24.22 14.76 -0.66
CA ASN A 135 -25.06 15.99 -0.60
C ASN A 135 -26.51 15.66 -0.97
N ASP A 136 -26.74 14.77 -1.92
CA ASP A 136 -28.11 14.42 -2.40
C ASP A 136 -28.66 13.23 -1.62
N PHE A 137 -27.95 12.76 -0.59
CA PHE A 137 -28.45 11.70 0.31
C PHE A 137 -29.02 12.40 1.56
N GLN A 138 -30.27 12.89 1.47
CA GLN A 138 -30.94 13.62 2.57
CA GLN A 138 -30.94 13.62 2.57
C GLN A 138 -31.30 12.61 3.68
N LEU A 139 -31.32 13.05 4.92
CA LEU A 139 -31.73 12.18 6.07
C LEU A 139 -32.10 13.05 7.27
N GLN A 140 -32.79 12.42 8.22
CA GLN A 140 -33.19 13.01 9.52
C GLN A 140 -32.21 12.54 10.58
N PHE A 141 -31.56 13.49 11.23
CA PHE A 141 -30.52 13.30 12.27
C PHE A 141 -31.07 13.93 13.56
N GLY A 142 -31.48 13.11 14.53
CA GLY A 142 -32.30 13.60 15.65
C GLY A 142 -33.62 14.12 15.10
N ASN A 143 -34.08 15.29 15.55
CA ASN A 143 -35.37 15.90 15.10
C ASN A 143 -35.03 17.07 14.19
N ARG A 144 -34.18 16.83 13.17
CA ARG A 144 -33.59 17.88 12.30
C ARG A 144 -33.16 17.25 10.96
N GLY A 145 -33.44 17.94 9.85
CA GLY A 145 -33.08 17.48 8.49
C GLY A 145 -31.63 17.82 8.19
N THR A 146 -30.97 16.98 7.39
CA THR A 146 -29.57 17.20 6.95
C THR A 146 -29.28 16.29 5.77
N ASN A 147 -28.01 16.17 5.37
CA ASN A 147 -27.61 15.21 4.32
C ASN A 147 -26.34 14.51 4.78
N LEU A 148 -25.99 13.40 4.15
CA LEU A 148 -24.88 12.53 4.56
C LEU A 148 -23.59 13.34 4.49
N HIS A 149 -23.45 14.25 3.53
CA HIS A 149 -22.19 15.04 3.39
C HIS A 149 -22.04 15.96 4.61
N SER A 150 -23.06 16.76 4.92
CA SER A 150 -23.09 17.68 6.07
C SER A 150 -22.87 16.89 7.37
N LEU A 151 -23.40 15.68 7.44
CA LEU A 151 -23.36 14.88 8.68
C LEU A 151 -21.90 14.57 9.01
N TRP A 152 -21.09 14.29 8.00
CA TRP A 152 -19.65 13.99 8.17
C TRP A 152 -18.82 15.28 8.22
N ASP A 153 -19.18 16.32 7.46
CA ASP A 153 -18.50 17.64 7.53
C ASP A 153 -18.52 18.20 8.94
N SER A 154 -19.70 18.21 9.60
CA SER A 154 -19.88 18.96 10.87
C SER A 154 -20.95 18.35 11.79
N GLY A 155 -22.00 17.73 11.25
CA GLY A 155 -23.12 17.19 12.05
C GLY A 155 -22.65 16.36 13.25
N MET A 156 -21.87 15.31 13.02
CA MET A 156 -21.38 14.46 14.14
C MET A 156 -20.39 15.19 15.02
N LEU A 157 -19.47 15.96 14.47
CA LEU A 157 -18.49 16.69 15.30
C LEU A 157 -19.24 17.67 16.22
N ASN A 158 -20.31 18.29 15.74
CA ASN A 158 -21.09 19.32 16.48
C ASN A 158 -21.76 18.69 17.70
N THR A 159 -22.04 17.38 17.68
CA THR A 159 -22.71 16.71 18.81
C THR A 159 -21.83 16.78 20.08
N ARG A 160 -20.52 16.95 19.98
CA ARG A 160 -19.64 17.12 21.18
C ARG A 160 -19.91 18.46 21.88
N LYS A 161 -20.36 19.50 21.16
CA LYS A 161 -20.62 20.88 21.69
C LYS A 161 -19.34 21.46 22.31
N LEU A 162 -18.18 21.24 21.66
CA LEU A 162 -16.87 21.70 22.14
C LEU A 162 -16.35 22.78 21.19
N ASP A 163 -15.70 23.79 21.73
CA ASP A 163 -14.84 24.66 20.92
C ASP A 163 -13.50 23.92 20.71
N ASP A 164 -12.61 24.51 19.91
CA ASP A 164 -11.33 23.86 19.56
C ASP A 164 -10.56 23.50 20.84
N ALA A 165 -10.60 24.36 21.85
CA ALA A 165 -9.87 24.18 23.12
C ALA A 165 -10.32 22.88 23.81
N GLY A 166 -11.59 22.51 23.70
CA GLY A 166 -12.14 21.27 24.27
C GLY A 166 -11.91 20.10 23.35
N TYR A 167 -12.02 20.34 22.03
CA TYR A 167 -12.00 19.25 21.03
C TYR A 167 -10.56 18.80 20.77
N LEU A 168 -9.61 19.73 20.73
CA LEU A 168 -8.21 19.38 20.36
C LEU A 168 -7.61 18.35 21.32
N PRO A 169 -7.65 18.50 22.67
CA PRO A 169 -7.02 17.52 23.55
C PRO A 169 -7.73 16.16 23.48
N LEU A 170 -9.02 16.16 23.13
CA LEU A 170 -9.75 14.89 22.85
C LEU A 170 -9.11 14.15 21.67
N LEU A 171 -8.82 14.83 20.55
CA LEU A 171 -8.17 14.23 19.36
C LEU A 171 -6.76 13.76 19.75
N GLN A 172 -6.06 14.55 20.57
CA GLN A 172 -4.64 14.31 20.93
C GLN A 172 -4.55 13.12 21.90
N SER A 173 -5.61 12.86 22.65
CA SER A 173 -5.70 11.73 23.60
C SER A 173 -5.82 10.39 22.85
N GLN A 174 -6.25 10.36 21.59
CA GLN A 174 -6.45 9.08 20.87
C GLN A 174 -5.12 8.33 20.78
N ARG A 175 -5.18 7.01 20.72
CA ARG A 175 -4.03 6.17 20.29
C ARG A 175 -3.52 6.73 18.96
N ALA A 176 -2.20 6.88 18.85
CA ALA A 176 -1.52 7.40 17.65
C ALA A 176 -1.85 6.49 16.47
N PRO A 177 -2.29 7.00 15.30
CA PRO A 177 -2.53 6.13 14.16
C PRO A 177 -1.19 5.69 13.53
N LYS A 178 -1.20 4.62 12.75
CA LYS A 178 0.01 4.11 12.03
C LYS A 178 0.15 4.99 10.77
N LEU A 179 1.14 5.87 10.70
CA LEU A 179 1.37 6.68 9.47
C LEU A 179 2.23 5.88 8.49
N ALA A 180 2.34 6.30 7.24
CA ALA A 180 3.44 5.88 6.35
C ALA A 180 4.74 6.28 7.04
N ARG A 181 5.83 5.54 6.83
CA ARG A 181 7.14 5.88 7.43
C ARG A 181 7.58 7.23 6.85
N GLN A 182 7.27 7.51 5.58
CA GLN A 182 7.71 8.76 4.91
C GLN A 182 6.54 9.41 4.15
N SER A 183 6.59 10.73 4.06
CA SER A 183 5.77 11.57 3.16
C SER A 183 6.37 11.48 1.75
N ASN A 184 5.51 11.18 0.78
CA ASN A 184 5.73 11.40 -0.67
C ASN A 184 4.62 12.31 -1.15
N PRO A 185 4.90 13.62 -1.26
CA PRO A 185 3.90 14.60 -1.69
C PRO A 185 3.19 14.32 -3.02
N GLN A 186 3.85 13.60 -3.95
CA GLN A 186 3.28 13.31 -5.30
C GLN A 186 2.40 12.05 -5.25
N ARG A 187 2.62 11.09 -4.34
CA ARG A 187 1.87 9.81 -4.36
C ARG A 187 0.84 9.68 -3.24
N ASP A 188 1.05 10.34 -2.10
CA ASP A 188 0.20 10.17 -0.89
C ASP A 188 -1.21 10.63 -1.18
N PRO A 189 -1.45 11.74 -1.95
CA PRO A 189 -2.81 12.21 -2.15
C PRO A 189 -3.74 11.14 -2.72
N GLN A 190 -3.30 10.41 -3.73
CA GLN A 190 -4.08 9.26 -4.27
C GLN A 190 -4.33 8.20 -3.17
N THR A 191 -3.32 7.86 -2.38
CA THR A 191 -3.44 6.81 -1.31
C THR A 191 -4.53 7.28 -0.32
N TRP A 192 -4.47 8.55 0.05
CA TRP A 192 -5.35 9.14 1.09
C TRP A 192 -6.78 9.18 0.55
N ALA A 193 -6.96 9.63 -0.69
CA ALA A 193 -8.29 9.72 -1.33
C ALA A 193 -8.91 8.31 -1.40
N GLU A 194 -8.12 7.30 -1.74
CA GLU A 194 -8.57 5.90 -1.86
C GLU A 194 -8.97 5.35 -0.48
N ALA A 195 -8.18 5.63 0.55
CA ALA A 195 -8.48 5.20 1.93
C ALA A 195 -9.79 5.85 2.40
N SER A 196 -9.95 7.15 2.17
CA SER A 196 -11.19 7.89 2.52
C SER A 196 -12.40 7.29 1.77
N CYS A 197 -12.26 7.01 0.47
CA CYS A 197 -13.31 6.34 -0.35
C CYS A 197 -13.68 4.99 0.27
N ARG A 198 -12.70 4.19 0.67
CA ARG A 198 -13.04 2.86 1.25
C ARG A 198 -13.92 3.03 2.50
N ILE A 199 -13.73 4.09 3.29
CA ILE A 199 -14.58 4.40 4.46
C ILE A 199 -16.00 4.78 3.96
N SER A 200 -16.13 5.56 2.89
CA SER A 200 -17.47 5.94 2.37
C SER A 200 -18.23 4.67 1.94
N MET A 201 -17.51 3.62 1.56
CA MET A 201 -18.09 2.35 1.05
C MET A 201 -18.27 1.30 2.16
N GLN A 202 -17.86 1.56 3.41
CA GLN A 202 -17.96 0.61 4.55
C GLN A 202 -19.43 0.37 4.92
N ALA A 203 -19.76 -0.86 5.29
CA ALA A 203 -21.07 -1.26 5.86
C ALA A 203 -21.56 -0.19 6.82
N GLY A 204 -22.75 0.36 6.56
CA GLY A 204 -23.49 1.22 7.51
C GLY A 204 -23.20 2.71 7.36
N VAL A 205 -22.12 3.10 6.69
CA VAL A 205 -21.77 4.56 6.54
C VAL A 205 -22.91 5.21 5.79
N TYR A 206 -23.31 4.65 4.66
CA TYR A 206 -24.66 4.86 4.08
C TYR A 206 -25.66 4.08 4.92
N PRO A 207 -26.59 4.73 5.64
CA PRO A 207 -27.52 4.00 6.49
C PRO A 207 -28.65 3.37 5.67
N ALA A 208 -29.28 2.33 6.24
CA ALA A 208 -30.34 1.54 5.60
C ALA A 208 -31.71 2.16 5.94
N THR A 209 -31.70 3.16 6.84
CA THR A 209 -32.89 3.94 7.28
C THR A 209 -32.70 5.42 6.92
N ARG A 210 -33.80 6.17 6.83
CA ARG A 210 -33.79 7.63 6.52
C ARG A 210 -33.66 8.42 7.82
N LYS A 211 -34.11 7.84 8.94
CA LYS A 211 -33.95 8.45 10.29
C LYS A 211 -32.77 7.79 11.00
N ILE A 212 -31.88 8.60 11.58
CA ILE A 212 -30.69 8.15 12.35
C ILE A 212 -30.51 9.11 13.51
N GLY A 213 -29.76 8.69 14.53
CA GLY A 213 -29.50 9.47 15.75
C GLY A 213 -28.26 8.98 16.49
N ASP A 214 -28.43 8.65 17.77
CA ASP A 214 -27.33 8.33 18.71
C ASP A 214 -26.57 7.10 18.24
N GLU A 215 -27.24 6.06 17.75
CA GLU A 215 -26.56 4.79 17.37
C GLU A 215 -25.55 5.10 16.26
N TYR A 216 -25.96 5.86 15.24
CA TYR A 216 -25.09 6.24 14.09
C TYR A 216 -23.90 7.06 14.63
N THR A 217 -24.19 8.08 15.44
CA THR A 217 -23.16 8.94 16.10
C THR A 217 -22.20 8.06 16.87
N GLU A 218 -22.73 7.15 17.68
CA GLU A 218 -21.90 6.30 18.56
C GLU A 218 -20.95 5.46 17.70
N ARG A 219 -21.40 4.99 16.54
CA ARG A 219 -20.62 4.11 15.66
C ARG A 219 -19.61 4.95 14.86
N TYR A 220 -20.04 6.08 14.28
CA TYR A 220 -19.29 6.78 13.22
C TYR A 220 -18.61 8.07 13.71
N ARG A 221 -19.03 8.71 14.80
CA ARG A 221 -18.32 9.91 15.27
C ARG A 221 -16.87 9.53 15.60
N PRO A 222 -16.58 8.40 16.27
CA PRO A 222 -15.21 8.03 16.54
C PRO A 222 -14.39 7.87 15.26
N LEU A 223 -15.02 7.48 14.14
CA LEU A 223 -14.33 7.33 12.84
C LEU A 223 -14.04 8.72 12.27
N ALA A 224 -15.01 9.63 12.33
CA ALA A 224 -14.79 11.03 11.95
C ALA A 224 -13.63 11.60 12.76
N GLU A 225 -13.62 11.33 14.07
CA GLU A 225 -12.60 11.90 15.00
C GLU A 225 -11.23 11.29 14.71
N ALA A 226 -11.15 9.98 14.49
CA ALA A 226 -9.91 9.30 14.06
C ALA A 226 -9.40 9.92 12.75
N GLN A 227 -10.29 10.27 11.82
CA GLN A 227 -9.87 10.84 10.52
C GLN A 227 -9.31 12.26 10.71
N LEU A 228 -9.87 13.09 11.60
CA LEU A 228 -9.29 14.41 11.97
C LEU A 228 -7.86 14.25 12.51
N ARG A 229 -7.63 13.36 13.49
CA ARG A 229 -6.29 13.09 14.08
C ARG A 229 -5.33 12.65 12.96
N LEU A 230 -5.76 11.73 12.09
CA LEU A 230 -4.95 11.16 10.99
C LEU A 230 -4.62 12.30 10.03
N ALA A 231 -5.61 13.12 9.65
CA ALA A 231 -5.37 14.29 8.76
CA ALA A 231 -5.37 14.29 8.76
C ALA A 231 -4.32 15.22 9.36
N GLY A 232 -4.44 15.56 10.65
CA GLY A 232 -3.46 16.42 11.36
C GLY A 232 -2.06 15.85 11.31
N GLU A 233 -1.90 14.55 11.54
CA GLU A 233 -0.59 13.88 11.60
CA GLU A 233 -0.57 13.91 11.60
C GLU A 233 0.02 13.84 10.19
N ASN A 234 -0.83 13.51 9.20
CA ASN A 234 -0.43 13.46 7.76
C ASN A 234 -0.04 14.88 7.32
N LEU A 235 -0.76 15.91 7.77
CA LEU A 235 -0.45 17.31 7.36
C LEU A 235 0.90 17.72 7.95
N ALA A 236 1.17 17.36 9.20
CA ALA A 236 2.48 17.69 9.84
C ALA A 236 3.60 16.98 9.09
N GLN A 237 3.43 15.72 8.78
CA GLN A 237 4.47 14.91 8.11
C GLN A 237 4.78 15.52 6.74
N LEU A 238 3.73 16.00 6.02
CA LEU A 238 3.85 16.61 4.68
C LEU A 238 4.58 17.94 4.82
N LEU A 239 4.16 18.81 5.75
CA LEU A 239 4.83 20.12 5.94
C LEU A 239 6.27 19.85 6.39
N ASN A 240 6.52 18.84 7.23
CA ASN A 240 7.90 18.54 7.67
C ASN A 240 8.78 18.12 6.48
N ARG A 241 8.25 17.35 5.53
CA ARG A 241 8.98 16.89 4.32
C ARG A 241 9.18 18.08 3.34
N VAL A 242 8.13 18.85 3.08
CA VAL A 242 8.12 19.94 2.05
C VAL A 242 8.90 21.15 2.56
N LEU A 243 8.82 21.49 3.86
CA LEU A 243 9.39 22.77 4.38
C LEU A 243 10.50 22.51 5.40
N GLY A 244 10.83 21.25 5.71
CA GLY A 244 11.69 20.92 6.86
C GLY A 244 13.05 20.37 6.47
N ALA A 245 13.79 21.10 5.60
CA ALA A 245 15.22 20.89 5.24
C ALA A 245 15.61 21.91 4.14
N TRP B 1 7.34 -12.18 -5.78
CA TRP B 1 7.08 -11.79 -7.18
C TRP B 1 5.60 -11.41 -7.34
N GLY B 2 5.28 -10.73 -8.44
CA GLY B 2 3.90 -10.60 -8.95
C GLY B 2 3.39 -11.91 -9.52
N ALA B 3 2.13 -11.90 -9.95
CA ALA B 3 1.40 -13.11 -10.40
C ALA B 3 2.26 -13.86 -11.43
N GLN B 4 2.78 -13.15 -12.43
CA GLN B 4 3.42 -13.83 -13.58
C GLN B 4 4.71 -14.50 -13.08
N GLY B 5 5.52 -13.82 -12.29
CA GLY B 5 6.73 -14.40 -11.67
C GLY B 5 6.40 -15.73 -11.00
N HIS B 6 5.31 -15.75 -10.24
CA HIS B 6 4.87 -16.95 -9.49
C HIS B 6 4.49 -18.07 -10.46
N ARG B 7 3.70 -17.76 -11.49
CA ARG B 7 3.26 -18.78 -12.48
C ARG B 7 4.49 -19.32 -13.23
N LEU B 8 5.44 -18.46 -13.61
CA LEU B 8 6.64 -18.91 -14.36
C LEU B 8 7.45 -19.88 -13.48
N VAL B 9 7.68 -19.55 -12.22
CA VAL B 9 8.33 -20.48 -11.24
C VAL B 9 7.59 -21.82 -11.25
N ALA B 10 6.25 -21.83 -11.13
CA ALA B 10 5.45 -23.06 -11.11
C ALA B 10 5.61 -23.83 -12.44
N GLU B 11 5.60 -23.12 -13.57
CA GLU B 11 5.67 -23.71 -14.93
C GLU B 11 7.05 -24.33 -15.12
N VAL B 12 8.13 -23.70 -14.65
CA VAL B 12 9.52 -24.28 -14.72
C VAL B 12 9.54 -25.59 -13.93
N ALA B 13 9.01 -25.56 -12.70
CA ALA B 13 8.97 -26.71 -11.75
C ALA B 13 8.12 -27.85 -12.31
N ASP B 14 6.97 -27.55 -12.90
CA ASP B 14 6.02 -28.57 -13.42
C ASP B 14 6.73 -29.47 -14.45
N ALA B 15 7.48 -28.86 -15.37
CA ALA B 15 8.24 -29.57 -16.43
C ALA B 15 9.26 -30.54 -15.82
N ARG B 16 9.68 -30.35 -14.55
CA ARG B 16 10.82 -31.11 -13.97
CA ARG B 16 10.82 -31.11 -13.97
C ARG B 16 10.31 -32.09 -12.90
N LEU B 17 9.00 -32.26 -12.77
CA LEU B 17 8.50 -33.27 -11.82
C LEU B 17 8.72 -34.67 -12.41
N ASN B 18 9.27 -35.56 -11.60
CA ASN B 18 9.35 -37.01 -11.91
C ASN B 18 7.96 -37.61 -11.71
N PRO B 19 7.69 -38.80 -12.29
CA PRO B 19 6.34 -39.34 -12.36
C PRO B 19 5.60 -39.49 -11.03
N THR B 20 6.32 -39.77 -9.95
CA THR B 20 5.70 -39.99 -8.61
C THR B 20 5.08 -38.67 -8.11
N ALA B 21 5.92 -37.63 -7.97
CA ALA B 21 5.51 -36.28 -7.52
C ALA B 21 4.47 -35.70 -8.49
N ARG B 22 4.63 -35.92 -9.80
CA ARG B 22 3.67 -35.43 -10.83
C ARG B 22 2.28 -36.01 -10.57
N ALA B 23 2.16 -37.33 -10.38
CA ALA B 23 0.87 -38.01 -10.08
C ALA B 23 0.29 -37.50 -8.75
N GLU B 24 1.08 -37.40 -7.67
CA GLU B 24 0.57 -36.86 -6.39
C GLU B 24 0.10 -35.41 -6.57
N VAL B 25 0.89 -34.58 -7.24
CA VAL B 25 0.53 -33.15 -7.50
C VAL B 25 -0.80 -33.10 -8.28
N ASP B 26 -0.94 -33.91 -9.33
CA ASP B 26 -2.16 -33.91 -10.18
C ASP B 26 -3.36 -34.39 -9.34
N ARG B 27 -3.16 -35.32 -8.40
CA ARG B 27 -4.22 -35.82 -7.50
C ARG B 27 -4.70 -34.66 -6.61
N LEU B 28 -3.79 -33.92 -5.99
CA LEU B 28 -4.15 -32.77 -5.12
C LEU B 28 -4.88 -31.68 -5.95
N LEU B 29 -4.36 -31.34 -7.13
CA LEU B 29 -4.98 -30.32 -8.04
C LEU B 29 -6.38 -30.75 -8.46
N ALA B 30 -6.60 -32.04 -8.73
CA ALA B 30 -7.89 -32.57 -9.20
C ALA B 30 -8.99 -32.33 -8.15
N THR B 31 -8.65 -32.12 -6.87
CA THR B 31 -9.66 -31.82 -5.81
C THR B 31 -10.36 -30.49 -6.11
N GLU B 32 -9.73 -29.62 -6.91
CA GLU B 32 -10.19 -28.24 -7.18
C GLU B 32 -10.35 -28.03 -8.68
N PRO B 33 -11.60 -27.91 -9.18
CA PRO B 33 -11.83 -27.82 -10.62
C PRO B 33 -10.91 -26.79 -11.29
N ASP B 34 -10.25 -27.17 -12.39
CA ASP B 34 -9.49 -26.29 -13.31
C ASP B 34 -8.10 -25.90 -12.74
N ALA B 35 -7.77 -26.31 -11.51
CA ALA B 35 -6.52 -25.92 -10.83
C ALA B 35 -5.31 -26.52 -11.57
N THR B 36 -4.28 -25.72 -11.81
CA THR B 36 -2.95 -26.12 -12.31
C THR B 36 -1.89 -25.62 -11.34
N LEU B 37 -0.68 -26.18 -11.37
CA LEU B 37 0.45 -25.68 -10.56
C LEU B 37 0.65 -24.18 -10.86
N ALA B 38 0.52 -23.77 -12.11
CA ALA B 38 0.56 -22.37 -12.57
C ALA B 38 -0.57 -21.56 -11.91
N SER B 39 -1.81 -22.01 -12.05
CA SER B 39 -2.98 -21.19 -11.65
C SER B 39 -3.01 -20.99 -10.11
N ILE B 40 -2.40 -21.88 -9.31
CA ILE B 40 -2.39 -21.76 -7.81
C ILE B 40 -1.19 -20.94 -7.33
N ALA B 41 -0.20 -20.68 -8.19
CA ALA B 41 1.07 -20.06 -7.75
C ALA B 41 0.84 -18.68 -7.12
N PRO B 42 -0.10 -17.84 -7.63
CA PRO B 42 -0.40 -16.54 -7.01
C PRO B 42 -1.38 -16.51 -5.83
N TRP B 43 -2.00 -17.65 -5.52
CA TRP B 43 -3.16 -17.75 -4.59
C TRP B 43 -2.83 -17.11 -3.25
N ALA B 44 -1.63 -17.32 -2.70
CA ALA B 44 -1.28 -16.86 -1.35
C ALA B 44 -1.36 -15.32 -1.31
N ASP B 45 -1.16 -14.64 -2.44
CA ASP B 45 -1.27 -13.15 -2.54
C ASP B 45 -2.75 -12.77 -2.65
N GLN B 46 -3.56 -13.55 -3.38
CA GLN B 46 -5.01 -13.28 -3.56
C GLN B 46 -5.72 -13.50 -2.22
N LEU B 47 -5.18 -14.39 -1.39
CA LEU B 47 -5.67 -14.67 -0.01
C LEU B 47 -5.35 -13.45 0.85
N ARG B 48 -4.07 -13.06 0.91
CA ARG B 48 -3.57 -11.87 1.65
C ARG B 48 -4.40 -10.65 1.25
N ALA B 49 -4.83 -10.58 -0.01
CA ALA B 49 -5.65 -9.48 -0.57
C ALA B 49 -7.07 -9.52 0.03
N LYS B 50 -7.82 -10.61 -0.18
CA LYS B 50 -9.31 -10.64 -0.04
C LYS B 50 -9.75 -11.36 1.24
N ASP B 51 -8.89 -12.19 1.84
CA ASP B 51 -9.25 -13.11 2.96
C ASP B 51 -8.83 -12.49 4.30
N PRO B 52 -9.78 -11.97 5.12
CA PRO B 52 -9.42 -11.23 6.34
C PRO B 52 -8.81 -12.11 7.44
N GLY B 53 -9.00 -13.44 7.36
CA GLY B 53 -8.52 -14.43 8.36
C GLY B 53 -7.15 -14.98 7.99
N LEU B 54 -7.12 -16.04 7.17
CA LEU B 54 -5.86 -16.75 6.82
C LEU B 54 -4.93 -15.77 6.07
N GLY B 55 -5.49 -14.91 5.20
CA GLY B 55 -4.72 -13.87 4.46
C GLY B 55 -3.93 -12.96 5.41
N ARG B 56 -4.59 -12.38 6.41
CA ARG B 56 -3.95 -11.53 7.45
C ARG B 56 -2.97 -12.39 8.26
N ARG B 57 -3.41 -13.58 8.69
CA ARG B 57 -2.57 -14.49 9.52
C ARG B 57 -1.26 -14.81 8.78
N SER B 58 -1.30 -14.92 7.44
CA SER B 58 -0.18 -15.48 6.62
C SER B 58 0.67 -14.40 5.93
N ALA B 59 0.44 -13.10 6.16
CA ALA B 59 1.10 -12.01 5.39
C ALA B 59 2.61 -12.02 5.66
N GLY B 60 3.01 -12.20 6.91
CA GLY B 60 4.43 -12.21 7.29
C GLY B 60 5.17 -13.41 6.74
N TRP B 61 4.45 -14.42 6.20
CA TRP B 61 5.05 -15.66 5.63
C TRP B 61 5.77 -15.36 4.31
N HIS B 62 5.53 -14.20 3.68
CA HIS B 62 6.05 -13.94 2.31
C HIS B 62 7.50 -13.47 2.34
N TYR B 63 8.05 -13.08 3.48
CA TYR B 63 9.42 -12.49 3.52
C TYR B 63 10.08 -12.79 4.85
N VAL B 64 11.36 -12.42 4.92
CA VAL B 64 12.18 -12.37 6.15
C VAL B 64 13.22 -11.27 5.97
N ASN B 65 13.47 -10.50 7.02
CA ASN B 65 14.44 -9.37 6.98
C ASN B 65 15.74 -9.81 7.66
N ILE B 66 16.74 -10.19 6.89
CA ILE B 66 18.06 -10.67 7.39
C ILE B 66 19.21 -9.84 6.81
N ALA B 67 18.94 -8.78 6.04
CA ALA B 67 20.02 -7.93 5.47
C ALA B 67 20.75 -7.20 6.60
N GLU B 68 20.01 -6.66 7.57
CA GLU B 68 20.53 -6.02 8.82
C GLU B 68 21.64 -6.88 9.45
N ASP B 69 21.51 -8.21 9.41
CA ASP B 69 22.41 -9.18 10.08
C ASP B 69 23.37 -9.79 9.07
N ASN B 70 23.64 -9.09 7.97
CA ASN B 70 24.51 -9.54 6.85
C ASN B 70 24.07 -10.92 6.35
N CYS B 71 22.75 -11.14 6.20
CA CYS B 71 22.17 -12.36 5.57
C CYS B 71 22.59 -13.63 6.36
N HIS B 72 22.59 -13.57 7.69
CA HIS B 72 22.78 -14.72 8.62
C HIS B 72 21.51 -14.92 9.44
N TYR B 73 20.65 -15.85 9.04
CA TYR B 73 19.29 -16.03 9.62
C TYR B 73 19.42 -16.56 11.06
N GLU B 74 18.59 -16.06 11.98
CA GLU B 74 18.49 -16.47 13.41
C GLU B 74 17.01 -16.46 13.82
N ALA B 75 16.38 -17.64 13.84
CA ALA B 75 14.93 -17.88 14.00
C ALA B 75 14.35 -17.01 15.12
N PRO B 76 14.95 -16.99 16.33
CA PRO B 76 14.45 -16.10 17.38
C PRO B 76 14.34 -14.67 16.82
N LYS B 77 15.45 -14.07 16.37
CA LYS B 77 15.59 -12.61 16.12
C LYS B 77 14.79 -12.16 14.90
N HIS B 78 14.91 -12.86 13.77
CA HIS B 78 14.35 -12.42 12.47
C HIS B 78 12.93 -12.92 12.29
N CYS B 79 12.47 -13.82 13.17
CA CYS B 79 11.29 -14.69 12.92
C CYS B 79 10.63 -15.04 14.25
N ARG B 80 10.34 -14.03 15.08
CA ARG B 80 10.00 -14.18 16.53
C ARG B 80 8.83 -15.14 16.75
N ASN B 81 7.74 -14.97 16.01
CA ASN B 81 6.50 -15.79 16.17
C ASN B 81 6.53 -17.01 15.25
N GLY B 82 7.69 -17.33 14.67
CA GLY B 82 7.82 -18.17 13.46
C GLY B 82 7.18 -17.51 12.25
N ASN B 83 6.97 -16.20 12.29
CA ASN B 83 6.12 -15.48 11.30
C ASN B 83 7.04 -14.91 10.21
N CYS B 84 7.68 -15.79 9.44
CA CYS B 84 8.55 -15.42 8.30
C CYS B 84 8.60 -16.56 7.26
N ILE B 85 9.22 -16.29 6.10
CA ILE B 85 9.15 -17.18 4.90
C ILE B 85 9.90 -18.48 5.21
N VAL B 86 11.05 -18.40 5.86
CA VAL B 86 11.90 -19.58 6.21
C VAL B 86 11.07 -20.63 6.97
N GLU B 87 10.38 -20.23 8.04
CA GLU B 87 9.63 -21.16 8.91
C GLU B 87 8.29 -21.55 8.25
N ALA B 88 7.62 -20.64 7.55
CA ALA B 88 6.33 -20.97 6.89
C ALA B 88 6.56 -22.04 5.80
N LEU B 89 7.67 -21.96 5.06
CA LEU B 89 8.01 -22.90 3.96
C LEU B 89 8.28 -24.28 4.57
N LYS B 90 9.07 -24.34 5.65
CA LYS B 90 9.37 -25.60 6.40
C LYS B 90 8.05 -26.22 6.85
N ALA B 91 7.20 -25.43 7.52
CA ALA B 91 5.88 -25.84 8.00
C ALA B 91 5.09 -26.45 6.84
N GLN B 92 4.92 -25.71 5.73
CA GLN B 92 3.96 -26.09 4.67
C GLN B 92 4.53 -27.26 3.86
N SER B 93 5.87 -27.31 3.73
CA SER B 93 6.59 -28.46 3.12
C SER B 93 6.33 -29.76 3.89
N THR B 94 6.05 -29.65 5.19
CA THR B 94 5.84 -30.78 6.13
C THR B 94 4.39 -31.23 6.06
N ILE B 95 3.44 -30.29 6.16
CA ILE B 95 2.00 -30.54 5.90
C ILE B 95 1.85 -31.27 4.56
N LEU B 96 2.58 -30.83 3.53
CA LEU B 96 2.36 -31.31 2.14
C LEU B 96 2.73 -32.79 2.09
N GLY B 97 3.78 -33.19 2.81
CA GLY B 97 4.29 -34.57 2.88
C GLY B 97 3.52 -35.48 3.84
N ASP B 98 2.48 -34.96 4.55
CA ASP B 98 1.77 -35.68 5.64
C ASP B 98 0.61 -36.50 5.04
N ARG B 99 0.81 -37.82 4.96
CA ARG B 99 -0.12 -38.74 4.26
C ARG B 99 -1.38 -38.93 5.11
N SER B 100 -1.42 -38.46 6.36
CA SER B 100 -2.62 -38.54 7.25
C SER B 100 -3.66 -37.47 6.87
N LEU B 101 -3.25 -36.33 6.30
CA LEU B 101 -4.14 -35.18 5.99
C LEU B 101 -4.98 -35.45 4.73
N THR B 102 -6.07 -34.70 4.55
CA THR B 102 -6.94 -34.79 3.35
C THR B 102 -6.18 -34.23 2.14
N ASP B 103 -6.62 -34.59 0.95
CA ASP B 103 -6.08 -34.03 -0.32
C ASP B 103 -6.34 -32.51 -0.34
N GLY B 104 -7.50 -32.06 0.12
CA GLY B 104 -7.87 -30.63 0.21
C GLY B 104 -6.92 -29.86 1.10
N GLU B 105 -6.53 -30.42 2.25
CA GLU B 105 -5.59 -29.77 3.20
C GLU B 105 -4.19 -29.77 2.59
N ARG B 106 -3.81 -30.84 1.91
CA ARG B 106 -2.47 -30.95 1.29
C ARG B 106 -2.40 -30.03 0.06
N LEU B 107 -3.50 -29.86 -0.69
CA LEU B 107 -3.57 -28.91 -1.83
C LEU B 107 -3.26 -27.49 -1.30
N GLN B 108 -3.89 -27.10 -0.18
CA GLN B 108 -3.68 -25.76 0.42
C GLN B 108 -2.19 -25.58 0.76
N ALA B 109 -1.57 -26.59 1.36
CA ALA B 109 -0.12 -26.61 1.65
C ALA B 109 0.68 -26.52 0.32
N LEU B 110 0.24 -27.23 -0.73
CA LEU B 110 0.93 -27.18 -2.04
C LEU B 110 0.89 -25.73 -2.56
N LYS B 111 -0.21 -25.03 -2.35
CA LYS B 111 -0.37 -23.63 -2.82
C LYS B 111 0.64 -22.74 -2.10
N PHE B 112 0.83 -22.93 -0.79
CA PHE B 112 1.84 -22.19 0.02
C PHE B 112 3.27 -22.58 -0.44
N VAL B 113 3.53 -23.86 -0.64
CA VAL B 113 4.90 -24.31 -1.03
C VAL B 113 5.27 -23.70 -2.39
N VAL B 114 4.41 -23.79 -3.40
CA VAL B 114 4.66 -23.24 -4.76
C VAL B 114 4.91 -21.73 -4.66
N HIS B 115 4.08 -21.00 -3.92
CA HIS B 115 4.19 -19.54 -3.75
C HIS B 115 5.49 -19.18 -3.04
N LEU B 116 5.80 -19.82 -1.92
CA LEU B 116 6.94 -19.40 -1.04
C LEU B 116 8.27 -19.82 -1.65
N VAL B 117 8.37 -20.94 -2.36
CA VAL B 117 9.67 -21.19 -3.09
C VAL B 117 9.89 -20.03 -4.08
N GLY B 118 8.83 -19.54 -4.73
CA GLY B 118 8.92 -18.30 -5.53
C GLY B 118 9.46 -17.12 -4.73
N ASP B 119 8.72 -16.69 -3.70
CA ASP B 119 9.03 -15.48 -2.89
C ASP B 119 10.43 -15.56 -2.27
N ILE B 120 10.86 -16.75 -1.84
CA ILE B 120 12.15 -16.91 -1.08
C ILE B 120 13.33 -16.74 -2.04
N HIS B 121 13.08 -16.78 -3.36
CA HIS B 121 14.11 -16.51 -4.40
C HIS B 121 14.03 -15.07 -4.94
N GLN B 122 13.09 -14.25 -4.48
CA GLN B 122 13.03 -12.78 -4.79
C GLN B 122 13.99 -12.07 -3.83
N PRO B 123 15.15 -11.56 -4.28
CA PRO B 123 16.10 -10.92 -3.38
C PRO B 123 15.49 -9.92 -2.37
N MET B 124 14.48 -9.15 -2.78
CA MET B 124 13.95 -8.05 -1.93
C MET B 124 13.00 -8.62 -0.87
N HIS B 125 12.71 -9.93 -0.93
CA HIS B 125 11.92 -10.66 0.09
C HIS B 125 12.83 -11.14 1.23
N ALA B 126 14.12 -10.86 1.15
CA ALA B 126 15.14 -11.27 2.15
C ALA B 126 16.05 -10.08 2.50
N GLY B 127 15.49 -8.85 2.44
CA GLY B 127 16.24 -7.59 2.55
C GLY B 127 16.14 -6.96 3.92
N TYR B 128 15.90 -5.65 3.98
CA TYR B 128 15.96 -4.81 5.20
C TYR B 128 14.55 -4.60 5.73
N ALA B 129 14.36 -4.69 7.05
CA ALA B 129 13.08 -4.31 7.70
C ALA B 129 12.88 -2.80 7.57
N HIS B 130 13.95 -2.01 7.62
CA HIS B 130 13.86 -0.54 7.83
C HIS B 130 13.19 0.14 6.63
N ASP B 131 13.41 -0.37 5.41
CA ASP B 131 12.74 0.14 4.18
C ASP B 131 11.69 -0.86 3.69
N LYS B 132 11.18 -1.75 4.55
CA LYS B 132 10.20 -2.82 4.20
C LYS B 132 10.59 -3.54 2.91
N GLY B 133 11.78 -4.14 2.85
CA GLY B 133 12.29 -4.89 1.69
C GLY B 133 12.30 -4.07 0.41
N GLY B 134 12.54 -2.75 0.51
CA GLY B 134 12.68 -1.87 -0.66
C GLY B 134 11.39 -1.17 -1.04
N ASN B 135 10.26 -1.50 -0.44
CA ASN B 135 8.97 -0.79 -0.66
C ASN B 135 9.08 0.71 -0.34
N ASP B 136 9.93 1.10 0.59
CA ASP B 136 10.10 2.53 1.02
C ASP B 136 11.21 3.21 0.23
N PHE B 137 11.85 2.50 -0.70
CA PHE B 137 12.87 3.05 -1.61
C PHE B 137 12.19 3.40 -2.94
N GLN B 138 11.66 4.61 -3.05
CA GLN B 138 10.79 5.00 -4.20
C GLN B 138 11.65 5.46 -5.37
N LEU B 139 11.17 5.13 -6.58
CA LEU B 139 11.92 5.30 -7.84
C LEU B 139 10.97 5.81 -8.91
N GLN B 140 11.53 6.34 -10.01
CA GLN B 140 10.77 6.57 -11.28
C GLN B 140 11.38 5.63 -12.31
N PHE B 141 10.53 4.83 -12.92
CA PHE B 141 10.90 3.84 -13.96
C PHE B 141 9.87 3.94 -15.09
N GLY B 142 10.31 4.21 -16.31
CA GLY B 142 9.43 4.32 -17.49
C GLY B 142 8.34 5.35 -17.28
N ASN B 143 8.70 6.51 -16.71
CA ASN B 143 7.78 7.65 -16.51
C ASN B 143 6.62 7.23 -15.58
N ARG B 144 6.86 6.32 -14.66
CA ARG B 144 5.88 5.86 -13.65
C ARG B 144 6.58 5.82 -12.28
N GLY B 145 5.83 6.14 -11.23
CA GLY B 145 6.28 6.00 -9.83
C GLY B 145 6.24 4.53 -9.46
N THR B 146 7.34 4.01 -8.90
CA THR B 146 7.34 2.63 -8.35
C THR B 146 8.32 2.62 -7.17
N ASN B 147 8.73 1.43 -6.74
CA ASN B 147 9.71 1.28 -5.65
C ASN B 147 10.57 0.06 -5.97
N LEU B 148 11.68 -0.10 -5.25
CA LEU B 148 12.67 -1.16 -5.51
C LEU B 148 11.99 -2.52 -5.32
N HIS B 149 11.04 -2.66 -4.38
CA HIS B 149 10.38 -3.96 -4.16
C HIS B 149 9.57 -4.37 -5.41
N SER B 150 8.65 -3.50 -5.82
CA SER B 150 7.78 -3.65 -7.02
C SER B 150 8.66 -3.81 -8.27
N LEU B 151 9.77 -3.10 -8.37
CA LEU B 151 10.69 -3.22 -9.54
C LEU B 151 11.12 -4.69 -9.68
N TRP B 152 11.46 -5.36 -8.57
CA TRP B 152 11.92 -6.77 -8.57
C TRP B 152 10.73 -7.74 -8.65
N ASP B 153 9.59 -7.43 -8.03
CA ASP B 153 8.41 -8.32 -8.05
C ASP B 153 7.91 -8.49 -9.48
N SER B 154 7.81 -7.39 -10.25
CA SER B 154 7.09 -7.34 -11.55
C SER B 154 7.64 -6.29 -12.53
N GLY B 155 8.14 -5.13 -12.10
CA GLY B 155 8.54 -4.02 -13.00
C GLY B 155 9.45 -4.46 -14.13
N MET B 156 10.60 -5.04 -13.81
CA MET B 156 11.58 -5.55 -14.81
C MET B 156 10.97 -6.71 -15.60
N LEU B 157 10.20 -7.62 -14.98
CA LEU B 157 9.61 -8.77 -15.72
C LEU B 157 8.64 -8.20 -16.76
N ASN B 158 7.86 -7.18 -16.39
CA ASN B 158 6.83 -6.53 -17.25
C ASN B 158 7.49 -5.86 -18.49
N THR B 159 8.77 -5.51 -18.46
CA THR B 159 9.46 -4.91 -19.64
C THR B 159 9.50 -5.90 -20.82
N ARG B 160 9.43 -7.22 -20.57
CA ARG B 160 9.47 -8.23 -21.64
C ARG B 160 8.18 -8.16 -22.46
N LYS B 161 7.06 -7.80 -21.84
CA LYS B 161 5.73 -7.68 -22.49
C LYS B 161 5.36 -9.04 -23.12
N LEU B 162 5.59 -10.13 -22.39
CA LEU B 162 5.26 -11.50 -22.80
C LEU B 162 4.24 -12.10 -21.83
N ASP B 163 3.24 -12.80 -22.36
CA ASP B 163 2.42 -13.74 -21.56
C ASP B 163 3.33 -14.91 -21.13
N ASP B 164 2.84 -15.84 -20.28
CA ASP B 164 3.68 -16.92 -19.70
C ASP B 164 4.31 -17.77 -20.80
N ALA B 165 3.49 -18.22 -21.75
CA ALA B 165 3.94 -19.13 -22.84
C ALA B 165 5.13 -18.50 -23.57
N GLY B 166 5.05 -17.19 -23.86
CA GLY B 166 6.10 -16.46 -24.60
C GLY B 166 7.35 -16.22 -23.76
N TYR B 167 7.20 -16.13 -22.43
CA TYR B 167 8.31 -15.84 -21.46
C TYR B 167 9.09 -17.13 -21.18
N LEU B 168 8.40 -18.26 -21.07
CA LEU B 168 9.03 -19.52 -20.63
C LEU B 168 10.24 -19.88 -21.50
N PRO B 169 10.19 -19.80 -22.85
CA PRO B 169 11.36 -20.05 -23.71
C PRO B 169 12.61 -19.24 -23.32
N LEU B 170 12.43 -17.98 -22.89
CA LEU B 170 13.55 -17.15 -22.40
C LEU B 170 14.22 -17.88 -21.21
N LEU B 171 13.44 -18.31 -20.20
CA LEU B 171 14.00 -18.89 -18.95
C LEU B 171 14.65 -20.24 -19.29
N GLN B 172 14.04 -20.99 -20.23
CA GLN B 172 14.47 -22.38 -20.58
C GLN B 172 15.78 -22.29 -21.36
N SER B 173 15.98 -21.21 -22.12
CA SER B 173 17.17 -21.01 -22.98
C SER B 173 18.39 -20.51 -22.18
N GLN B 174 18.25 -20.22 -20.88
CA GLN B 174 19.37 -19.92 -19.96
C GLN B 174 20.20 -21.20 -19.75
N ARG B 175 21.50 -21.06 -19.49
CA ARG B 175 22.34 -22.16 -18.95
C ARG B 175 21.74 -22.58 -17.61
N ALA B 176 21.69 -23.88 -17.35
CA ALA B 176 21.11 -24.48 -16.12
C ALA B 176 21.93 -24.05 -14.91
N PRO B 177 21.31 -23.67 -13.76
CA PRO B 177 22.05 -23.47 -12.51
C PRO B 177 22.49 -24.81 -11.90
N LYS B 178 23.58 -24.81 -11.12
CA LYS B 178 24.02 -25.95 -10.28
C LYS B 178 23.20 -25.96 -8.97
N LEU B 179 22.34 -26.96 -8.79
CA LEU B 179 21.53 -27.15 -7.55
C LEU B 179 22.35 -27.91 -6.49
N ALA B 180 21.84 -27.99 -5.26
CA ALA B 180 22.29 -28.93 -4.20
C ALA B 180 22.16 -30.37 -4.69
N ARG B 181 23.11 -31.22 -4.32
CA ARG B 181 23.09 -32.68 -4.65
C ARG B 181 21.74 -33.24 -4.21
N GLN B 182 21.25 -32.84 -3.02
CA GLN B 182 19.98 -33.35 -2.41
C GLN B 182 19.14 -32.20 -1.88
N SER B 183 17.81 -32.35 -1.94
CA SER B 183 16.84 -31.47 -1.23
C SER B 183 16.86 -31.82 0.26
N ASN B 184 16.95 -30.80 1.12
CA ASN B 184 16.74 -30.92 2.59
C ASN B 184 15.60 -29.98 2.97
N PRO B 185 14.33 -30.42 2.90
CA PRO B 185 13.21 -29.51 3.14
C PRO B 185 13.33 -28.60 4.39
N GLN B 186 14.03 -29.05 5.43
CA GLN B 186 14.08 -28.36 6.76
C GLN B 186 15.24 -27.35 6.81
N ARG B 187 16.32 -27.53 6.02
CA ARG B 187 17.51 -26.65 6.04
C ARG B 187 17.59 -25.72 4.80
N ASP B 188 16.97 -26.10 3.68
CA ASP B 188 17.10 -25.37 2.41
C ASP B 188 16.47 -23.98 2.50
N PRO B 189 15.28 -23.81 3.12
CA PRO B 189 14.63 -22.50 3.13
C PRO B 189 15.55 -21.40 3.67
N GLN B 190 16.18 -21.63 4.83
CA GLN B 190 17.23 -20.74 5.38
C GLN B 190 18.30 -20.42 4.31
N THR B 191 18.89 -21.46 3.69
CA THR B 191 20.00 -21.35 2.69
C THR B 191 19.55 -20.49 1.50
N TRP B 192 18.32 -20.71 1.02
CA TRP B 192 17.74 -19.94 -0.12
C TRP B 192 17.54 -18.48 0.29
N ALA B 193 16.92 -18.21 1.45
CA ALA B 193 16.69 -16.85 2.00
C ALA B 193 18.02 -16.09 2.10
N GLU B 194 19.08 -16.76 2.58
CA GLU B 194 20.42 -16.14 2.72
C GLU B 194 21.01 -15.82 1.35
N ALA B 195 20.87 -16.70 0.37
CA ALA B 195 21.38 -16.49 -1.01
C ALA B 195 20.64 -15.32 -1.66
N SER B 196 19.33 -15.22 -1.42
CA SER B 196 18.48 -14.12 -1.93
C SER B 196 18.95 -12.79 -1.30
N CYS B 197 19.16 -12.78 0.02
CA CYS B 197 19.64 -11.63 0.79
C CYS B 197 21.00 -11.15 0.25
N ARG B 198 21.91 -12.07 -0.12
CA ARG B 198 23.24 -11.68 -0.63
C ARG B 198 23.09 -10.91 -1.97
N ILE B 199 22.06 -11.21 -2.77
CA ILE B 199 21.76 -10.45 -4.02
C ILE B 199 21.26 -9.05 -3.61
N SER B 200 20.31 -8.95 -2.69
CA SER B 200 19.73 -7.66 -2.22
C SER B 200 20.84 -6.73 -1.70
N MET B 201 21.95 -7.27 -1.21
CA MET B 201 23.05 -6.49 -0.58
C MET B 201 24.15 -6.15 -1.60
N GLN B 202 24.10 -6.65 -2.84
CA GLN B 202 25.08 -6.32 -3.91
C GLN B 202 25.07 -4.81 -4.19
N ALA B 203 26.25 -4.25 -4.46
CA ALA B 203 26.44 -2.81 -4.75
C ALA B 203 25.72 -2.53 -6.06
N GLY B 204 24.83 -1.54 -6.07
CA GLY B 204 24.14 -1.11 -7.30
C GLY B 204 22.73 -1.68 -7.41
N VAL B 205 22.36 -2.66 -6.59
CA VAL B 205 20.97 -3.17 -6.58
C VAL B 205 20.09 -2.03 -6.05
N TYR B 206 20.56 -1.30 -5.05
CA TYR B 206 19.98 -0.02 -4.62
C TYR B 206 20.54 1.07 -5.52
N PRO B 207 19.74 1.64 -6.44
CA PRO B 207 20.22 2.70 -7.30
C PRO B 207 20.51 4.01 -6.56
N ALA B 208 21.51 4.76 -7.02
CA ALA B 208 21.96 6.03 -6.41
C ALA B 208 21.07 7.20 -6.89
N THR B 209 20.31 6.99 -7.97
CA THR B 209 19.41 8.02 -8.58
C THR B 209 17.95 7.58 -8.41
N ARG B 210 17.05 8.52 -8.11
CA ARG B 210 15.59 8.26 -8.00
C ARG B 210 15.07 7.77 -9.36
N LYS B 211 15.63 8.26 -10.46
CA LYS B 211 15.19 7.86 -11.83
C LYS B 211 16.13 6.79 -12.38
N ILE B 212 15.58 5.68 -12.87
CA ILE B 212 16.35 4.56 -13.48
C ILE B 212 15.62 4.10 -14.76
N GLY B 213 16.30 3.32 -15.60
CA GLY B 213 15.80 2.93 -16.93
C GLY B 213 16.52 1.73 -17.51
N ASP B 214 16.96 1.87 -18.75
CA ASP B 214 17.51 0.76 -19.56
C ASP B 214 18.76 0.19 -18.89
N GLU B 215 19.58 1.01 -18.25
CA GLU B 215 20.87 0.54 -17.70
C GLU B 215 20.58 -0.39 -16.51
N TYR B 216 19.59 -0.05 -15.68
CA TYR B 216 19.19 -0.88 -14.51
C TYR B 216 18.59 -2.18 -15.04
N THR B 217 17.72 -2.12 -16.05
CA THR B 217 17.06 -3.30 -16.66
C THR B 217 18.13 -4.23 -17.25
N GLU B 218 18.99 -3.69 -18.13
CA GLU B 218 20.12 -4.40 -18.81
CA GLU B 218 20.05 -4.48 -18.81
C GLU B 218 20.90 -5.22 -17.78
N ARG B 219 21.17 -4.60 -16.63
CA ARG B 219 22.07 -5.16 -15.58
C ARG B 219 21.31 -6.19 -14.74
N TYR B 220 20.05 -5.94 -14.36
CA TYR B 220 19.39 -6.68 -13.26
C TYR B 220 18.25 -7.56 -13.75
N ARG B 221 17.63 -7.27 -14.91
CA ARG B 221 16.57 -8.14 -15.45
C ARG B 221 17.09 -9.57 -15.61
N PRO B 222 18.32 -9.80 -16.13
CA PRO B 222 18.83 -11.16 -16.28
C PRO B 222 18.99 -11.89 -14.95
N LEU B 223 19.38 -11.16 -13.89
CA LEU B 223 19.52 -11.73 -12.53
C LEU B 223 18.12 -12.09 -12.01
N ALA B 224 17.10 -11.26 -12.24
CA ALA B 224 15.74 -11.58 -11.78
C ALA B 224 15.26 -12.87 -12.50
N GLU B 225 15.56 -12.98 -13.79
CA GLU B 225 15.12 -14.13 -14.64
C GLU B 225 15.86 -15.40 -14.22
N ALA B 226 17.15 -15.30 -13.91
CA ALA B 226 17.97 -16.40 -13.36
C ALA B 226 17.37 -16.86 -12.03
N GLN B 227 16.89 -15.93 -11.21
CA GLN B 227 16.24 -16.29 -9.92
C GLN B 227 14.91 -17.01 -10.18
N LEU B 228 14.16 -16.64 -11.21
CA LEU B 228 12.90 -17.33 -11.54
C LEU B 228 13.24 -18.77 -11.95
N ARG B 229 14.28 -18.95 -12.76
CA ARG B 229 14.63 -20.30 -13.28
C ARG B 229 15.10 -21.15 -12.10
N LEU B 230 15.98 -20.60 -11.25
CA LEU B 230 16.50 -21.25 -10.02
C LEU B 230 15.34 -21.61 -9.09
N ALA B 231 14.44 -20.68 -8.82
CA ALA B 231 13.25 -20.94 -7.98
C ALA B 231 12.49 -22.14 -8.57
N GLY B 232 12.26 -22.15 -9.87
CA GLY B 232 11.50 -23.23 -10.54
C GLY B 232 12.18 -24.59 -10.33
N GLU B 233 13.49 -24.65 -10.53
CA GLU B 233 14.27 -25.90 -10.40
C GLU B 233 14.28 -26.33 -8.94
N ASN B 234 14.45 -25.38 -8.01
CA ASN B 234 14.49 -25.66 -6.55
C ASN B 234 13.10 -26.14 -6.10
N LEU B 235 12.03 -25.64 -6.71
CA LEU B 235 10.67 -26.08 -6.36
C LEU B 235 10.45 -27.54 -6.83
N ALA B 236 10.83 -27.86 -8.07
CA ALA B 236 10.70 -29.22 -8.60
C ALA B 236 11.48 -30.19 -7.71
N GLN B 237 12.72 -29.84 -7.33
CA GLN B 237 13.55 -30.71 -6.45
C GLN B 237 12.85 -30.94 -5.11
N LEU B 238 12.29 -29.90 -4.48
CA LEU B 238 11.54 -29.98 -3.21
C LEU B 238 10.31 -30.88 -3.37
N LEU B 239 9.50 -30.63 -4.40
CA LEU B 239 8.30 -31.47 -4.68
C LEU B 239 8.74 -32.92 -4.97
N ASN B 240 9.80 -33.15 -5.73
CA ASN B 240 10.30 -34.53 -5.96
C ASN B 240 10.69 -35.18 -4.62
N ARG B 241 11.31 -34.42 -3.69
CA ARG B 241 11.79 -34.92 -2.38
C ARG B 241 10.61 -35.19 -1.41
N VAL B 242 9.57 -34.35 -1.41
CA VAL B 242 8.45 -34.45 -0.42
C VAL B 242 7.41 -35.46 -0.93
N LEU B 243 7.11 -35.47 -2.23
CA LEU B 243 6.00 -36.25 -2.81
C LEU B 243 6.52 -37.37 -3.71
N GLY B 244 7.82 -37.54 -3.90
CA GLY B 244 8.36 -38.54 -4.84
C GLY B 244 8.75 -39.84 -4.15
N ALA B 245 9.49 -40.71 -4.84
CA ALA B 245 9.74 -42.10 -4.42
C ALA B 245 11.12 -42.25 -3.77
N ARG B 246 11.92 -41.18 -3.68
CA ARG B 246 13.30 -41.26 -3.14
C ARG B 246 14.08 -42.26 -4.00
N LEU B 247 14.02 -42.10 -5.32
CA LEU B 247 14.83 -42.89 -6.28
C LEU B 247 16.23 -42.25 -6.38
N GLU B 248 17.22 -43.03 -6.85
CA GLU B 248 18.60 -42.57 -7.17
C GLU B 248 18.52 -41.32 -8.05
ZN ZN C . -13.91 20.71 4.58
ZN ZN D . -13.24 22.24 1.40
ZN ZN E . -17.42 18.75 2.68
P PO4 F . -15.75 21.64 2.45
O1 PO4 F . -16.83 22.70 2.59
O2 PO4 F . -16.31 20.34 2.94
O3 PO4 F . -14.54 22.03 3.31
O4 PO4 F . -15.31 21.51 1.04
P 5GP G . -21.43 22.64 -2.25
O1P 5GP G . -20.55 23.66 -1.56
O2P 5GP G . -22.93 22.71 -1.97
O3P 5GP G . -21.15 22.56 -3.77
O5' 5GP G . -20.98 21.14 -1.66
C5' 5GP G . -21.02 20.87 -0.25
C4' 5GP G . -19.86 19.97 0.06
O4' 5GP G . -19.90 18.83 -0.82
C3' 5GP G . -18.46 20.58 -0.07
O3' 5GP G . -17.63 20.14 1.00
C2' 5GP G . -18.02 20.13 -1.47
O2' 5GP G . -16.62 19.92 -1.58
C1' 5GP G . -18.71 18.77 -1.59
N9 5GP G . -19.09 18.37 -2.95
C8 5GP G . -19.78 19.06 -3.94
N7 5GP G . -20.07 18.31 -4.99
C5 5GP G . -19.50 17.08 -4.70
C6 5GP G . -19.33 15.92 -5.49
O6 5GP G . -19.68 15.78 -6.66
N1 5GP G . -18.58 14.95 -4.84
C2 5GP G . -18.05 15.06 -3.57
N2 5GP G . -17.36 14.00 -3.11
N3 5GP G . -18.20 16.15 -2.81
C4 5GP G . -18.90 17.10 -3.42
C1 GOL H . -9.75 35.83 -8.84
O1 GOL H . -9.44 36.10 -7.48
C2 GOL H . -8.64 35.03 -9.43
O2 GOL H . -7.42 35.38 -8.74
C3 GOL H . -8.54 35.21 -10.93
O3 GOL H . -9.81 35.49 -11.49
C1 GOL I . -4.39 12.73 26.62
O1 GOL I . -5.18 12.68 27.81
C2 GOL I . -3.70 14.07 26.34
O2 GOL I . -4.60 15.17 26.50
C3 GOL I . -3.12 14.17 24.94
O3 GOL I . -1.96 13.36 24.73
C1 PEG J . -13.79 -5.59 -10.89
O1 PEG J . -14.07 -4.68 -11.93
C2 PEG J . -13.66 -4.90 -9.56
O2 PEG J . -12.46 -4.14 -9.52
C3 PEG J . -12.31 -3.36 -8.34
C4 PEG J . -12.26 -4.25 -7.11
O4 PEG J . -11.66 -3.60 -5.99
C1 PEG K . 2.47 10.11 17.61
O1 PEG K . 1.21 9.99 16.93
C2 PEG K . 2.51 9.36 18.91
O2 PEG K . 2.90 10.24 19.97
C3 PEG K . 1.90 10.36 20.97
C4 PEG K . 2.41 11.22 22.06
O4 PEG K . 2.62 12.55 21.63
S SO4 L . -19.45 25.03 9.36
O1 SO4 L . -19.33 23.90 10.24
O2 SO4 L . -20.19 24.62 8.20
O3 SO4 L . -20.16 26.08 10.04
O4 SO4 L . -18.16 25.52 8.97
S SO4 M . -17.13 27.56 14.84
O1 SO4 M . -16.69 26.37 15.53
O2 SO4 M . -18.55 27.50 14.65
O3 SO4 M . -16.79 28.71 15.64
O4 SO4 M . -16.47 27.67 13.57
S SO4 N . 7.82 10.88 -7.26
O1 SO4 N . 8.78 9.97 -7.79
O2 SO4 N . 6.50 10.48 -7.67
O3 SO4 N . 7.92 10.88 -5.79
O4 SO4 N . 8.09 12.23 -7.76
S SO4 O . -11.62 18.65 -14.94
O1 SO4 O . -12.54 17.90 -14.11
O2 SO4 O . -10.30 18.58 -14.35
O3 SO4 O . -11.56 18.08 -16.26
O4 SO4 O . -12.10 20.01 -15.03
S SO4 P . -20.21 13.59 24.30
O1 SO4 P . -20.31 12.28 23.70
O2 SO4 P . -20.78 13.52 25.63
O3 SO4 P . -18.84 14.03 24.38
O4 SO4 P . -20.96 14.53 23.50
S SO4 Q . -11.05 28.65 25.32
O1 SO4 Q . -9.92 28.17 26.08
O2 SO4 Q . -12.17 27.76 25.54
O3 SO4 Q . -11.40 29.99 25.73
O4 SO4 Q . -10.70 28.69 23.92
S SO4 R . 3.70 38.66 -2.91
O1 SO4 R . 4.73 38.44 -1.90
O2 SO4 R . 3.67 37.55 -3.83
O3 SO4 R . 2.42 38.79 -2.28
O4 SO4 R . 4.02 39.87 -3.63
S SO4 S . -27.63 20.90 5.80
O1 SO4 S . -26.41 20.99 5.02
O2 SO4 S . -28.48 19.88 5.24
O3 SO4 S . -27.31 20.54 7.17
O4 SO4 S . -28.32 22.16 5.75
S SO4 T . -37.07 4.76 8.29
O1 SO4 T . -36.10 4.80 7.22
O2 SO4 T . -36.49 5.19 9.51
O3 SO4 T . -38.17 5.64 7.94
O4 SO4 T . -37.55 3.42 8.45
S SO4 U . -16.74 13.05 -11.63
O1 SO4 U . -15.65 12.33 -11.02
O2 SO4 U . -16.32 13.57 -12.90
O3 SO4 U . -17.86 12.15 -11.81
O4 SO4 U . -17.15 14.14 -10.78
S SO4 V . 4.67 28.89 16.85
O1 SO4 V . 4.04 27.75 16.25
O2 SO4 V . 6.03 29.00 16.37
O3 SO4 V . 3.95 30.09 16.51
O4 SO4 V . 4.69 28.74 18.27
ZN ZN W . 5.67 -12.91 -4.89
ZN ZN X . 3.93 -13.56 -1.87
ZN ZN Y . 7.10 -8.93 -3.17
P PO4 Z . 4.42 -10.98 -3.14
O1 PO4 Z . 3.24 -10.11 -3.54
O2 PO4 Z . 5.70 -10.35 -3.59
O3 PO4 Z . 4.41 -11.09 -1.59
O4 PO4 Z . 4.27 -12.35 -3.81
P 5GP AA . 2.55 -4.91 1.24
O1P 5GP AA . 1.61 -5.96 0.71
O2P 5GP AA . 2.20 -3.54 0.74
O3P 5GP AA . 2.66 -4.93 2.76
O5' 5GP AA . 4.04 -5.27 0.74
C5' 5GP AA . 4.32 -5.36 -0.67
C4' 5GP AA . 5.38 -6.41 -0.88
O4' 5GP AA . 6.50 -6.21 0.02
C3' 5GP AA . 4.91 -7.85 -0.67
O3' 5GP AA . 5.56 -8.71 -1.61
C2' 5GP AA . 5.30 -8.11 0.80
O2' 5GP AA . 5.46 -9.48 1.10
C1' 5GP AA . 6.63 -7.33 0.88
N9 5GP AA . 6.99 -6.85 2.24
C8 5GP AA . 6.17 -6.22 3.15
N7 5GP AA . 6.78 -5.88 4.26
C5 5GP AA . 8.09 -6.32 4.09
C6 5GP AA . 9.19 -6.27 4.95
O6 5GP AA . 9.23 -5.82 6.10
N1 5GP AA . 10.32 -6.85 4.39
C2 5GP AA . 10.37 -7.43 3.14
N2 5GP AA . 11.55 -7.93 2.75
N3 5GP AA . 9.32 -7.48 2.32
C4 5GP AA . 8.23 -6.92 2.84
C1 PGE BA . 13.51 8.13 2.26
O1 PGE BA . 13.66 8.92 1.07
C2 PGE BA . 14.07 6.72 2.10
O2 PGE BA . 15.27 6.55 2.85
C3 PGE BA . 16.09 5.47 2.41
C4 PGE BA . 16.44 4.59 3.57
O4 PGE BA . 18.82 0.69 2.54
C6 PGE BA . 18.32 1.87 1.93
C5 PGE BA . 17.17 2.50 2.67
O3 PGE BA . 17.55 3.76 3.24
S SO4 CA . 11.76 -39.26 -7.60
O1 SO4 CA . 12.41 -39.90 -8.71
O2 SO4 CA . 10.36 -39.61 -7.62
O3 SO4 CA . 12.37 -39.67 -6.37
O4 SO4 CA . 11.94 -37.83 -7.71
S SO4 DA . 4.80 3.10 -4.59
O1 SO4 DA . 6.09 2.99 -3.99
O2 SO4 DA . 3.86 2.38 -3.81
O3 SO4 DA . 4.41 4.48 -4.69
O4 SO4 DA . 4.85 2.54 -5.92
S SO4 EA . -0.60 -11.25 -14.95
O1 SO4 EA . 0.55 -11.37 -14.10
O2 SO4 EA . -1.73 -11.91 -14.32
O3 SO4 EA . -0.91 -9.86 -15.13
O4 SO4 EA . -0.33 -11.84 -16.22
S SO4 FA . 18.14 12.17 -7.49
O1 SO4 FA . 19.18 11.55 -6.71
O2 SO4 FA . 17.71 11.28 -8.52
O3 SO4 FA . 17.04 12.49 -6.63
O4 SO4 FA . 18.65 13.37 -8.10
S SO4 GA . 0.86 -8.45 -9.94
O1 SO4 GA . 1.95 -8.12 -10.83
O2 SO4 GA . 0.49 -9.82 -10.11
O3 SO4 GA . 1.25 -8.24 -8.58
O4 SO4 GA . -0.26 -7.61 -10.24
S SO4 HA . 16.76 -3.40 9.48
O1 SO4 HA . 16.56 -4.81 9.35
O2 SO4 HA . 17.85 -3.13 10.38
O3 SO4 HA . 17.07 -2.85 8.20
O4 SO4 HA . 15.57 -2.80 10.00
S SO4 IA . 5.13 2.48 4.80
O1 SO4 IA . 4.25 2.18 5.90
O2 SO4 IA . 6.02 1.37 4.59
O3 SO4 IA . 4.35 2.74 3.62
O4 SO4 IA . 5.92 3.65 5.10
S SO4 JA . 17.38 -37.56 -1.13
O1 SO4 JA . 16.41 -38.51 -1.63
O2 SO4 JA . 18.49 -38.27 -0.54
O3 SO4 JA . 17.85 -36.74 -2.22
O4 SO4 JA . 16.77 -36.72 -0.14
NA NA KA . 14.83 -28.47 -0.84
CL CL LA . 25.28 -29.78 -2.27
#